data_4FAJ
#
_entry.id   4FAJ
#
_cell.length_a   68.622
_cell.length_b   74.122
_cell.length_c   112.622
_cell.angle_alpha   90.000
_cell.angle_beta   90.000
_cell.angle_gamma   90.000
#
_symmetry.space_group_name_H-M   'P 21 21 21'
#
loop_
_entity.id
_entity.type
_entity.pdbx_description
1 polymer PrgZ
2 polymer 'Sex pheromone cCF10'
3 non-polymer GLYCEROL
4 non-polymer 'ZINC ION'
5 water water
#
loop_
_entity_poly.entity_id
_entity_poly.type
_entity_poly.pdbx_seq_one_letter_code
_entity_poly.pdbx_strand_id
1 'polypeptide(L)'
;MHHHHHHHHHHGENLTFQGMKKYKKFCFLGIGLLPLVLASCGTNTATKDSQDATEKKVEQVATLTAGTPVQSLDPATAVD
QTSITLLANVMEGLYRLDEKNQPQPAIAAGQPKVSNNGKTYTIVIRDGAKWSDGTQITASDFVAAWQRVVDPKTVSPNVE
LFSAIKNAKEIASGKQAKDTLAVKSIGEKTLEIELVEPTPYFTDLLSLTAYYPVQQKAIKEYGKDYGVSQKAIVTNGAFN
LTNLEGVGTSDKWTISKNKEYWDQKDVSMDKINFQVVKEINTGINLYNDGQLDEAPLAGEYAKQYKKDKEYSTTLMANTM
FLEMNQTGENKLLQNKNVRKAINYAIDRESLVKKLLDNGSVASVGVVPKEMAFNPVNKKDFANEKLVEFNKKQAEEYWDK
AKKEIDLSKNTSLDLLVSDGEFEKKAGEFLQGQLQDSLEGLKVTVTPIPANVFMERLTKKDFTLSLSGWQADYADPISFL
ANFETNSPMNHGGYSNKNYDELLKDSSSKRWQELKKAEKLLINDMGVVPIFQVGTAKLEKSKIKNVLMHSIGAKYDYKKM
RIEK
;
A
2 'polypeptide(L)' LVTLVFV B
#
loop_
_chem_comp.id
_chem_comp.type
_chem_comp.name
_chem_comp.formula
GOL non-polymer GLYCEROL 'C3 H8 O3'
ZN non-polymer 'ZINC ION' 'Zn 2'
#
# COMPACT_ATOMS: atom_id res chain seq x y z
N VAL A 58 -20.05 20.92 21.01
CA VAL A 58 -19.09 20.85 19.88
C VAL A 58 -19.51 19.78 18.86
N GLU A 59 -19.74 20.23 17.64
CA GLU A 59 -20.18 19.34 16.57
C GLU A 59 -19.09 18.33 16.25
N GLN A 60 -19.46 17.07 16.11
CA GLN A 60 -18.48 16.02 15.85
C GLN A 60 -18.32 15.81 14.35
N VAL A 61 -17.67 16.78 13.71
N VAL A 61 -17.69 16.80 13.72
CA VAL A 61 -17.46 16.75 12.27
CA VAL A 61 -17.45 16.78 12.28
C VAL A 61 -16.05 17.26 11.97
C VAL A 61 -16.00 17.21 12.02
N ALA A 62 -15.45 16.75 10.90
CA ALA A 62 -14.13 17.19 10.48
C ALA A 62 -14.01 17.11 8.98
N THR A 63 -13.06 17.86 8.44
CA THR A 63 -12.68 17.77 7.03
C THR A 63 -11.19 17.46 7.00
N LEU A 64 -10.86 16.29 6.44
CA LEU A 64 -9.49 15.79 6.38
C LEU A 64 -9.04 15.71 4.92
N THR A 65 -7.81 15.26 4.69
CA THR A 65 -7.24 15.29 3.36
C THR A 65 -6.87 13.91 2.84
N ALA A 66 -6.71 13.84 1.52
CA ALA A 66 -6.36 12.61 0.82
C ALA A 66 -5.42 12.99 -0.31
N GLY A 67 -4.61 12.04 -0.77
CA GLY A 67 -3.62 12.32 -1.82
C GLY A 67 -4.11 12.09 -3.23
N THR A 68 -5.12 11.23 -3.41
CA THR A 68 -5.70 10.93 -4.72
C THR A 68 -7.20 10.69 -4.58
N PRO A 69 -7.94 10.67 -5.71
CA PRO A 69 -9.33 10.19 -5.64
C PRO A 69 -9.38 8.73 -5.24
N VAL A 70 -10.54 8.30 -4.75
CA VAL A 70 -10.78 6.89 -4.47
C VAL A 70 -10.72 6.13 -5.78
N GLN A 71 -10.05 4.99 -5.78
CA GLN A 71 -9.88 4.18 -6.99
C GLN A 71 -10.77 2.91 -7.01
N SER A 72 -11.01 2.32 -5.84
CA SER A 72 -11.85 1.13 -5.73
C SER A 72 -12.70 1.16 -4.47
N LEU A 73 -13.92 0.62 -4.56
CA LEU A 73 -14.79 0.40 -3.42
C LEU A 73 -15.00 -1.11 -3.16
N ASP A 74 -14.15 -1.94 -3.75
CA ASP A 74 -14.28 -3.40 -3.67
C ASP A 74 -13.02 -4.01 -3.03
N PRO A 75 -13.18 -4.66 -1.86
CA PRO A 75 -12.06 -5.36 -1.22
C PRO A 75 -11.21 -6.21 -2.16
N ALA A 76 -11.85 -6.87 -3.11
CA ALA A 76 -11.15 -7.75 -4.03
C ALA A 76 -10.20 -7.00 -4.95
N THR A 77 -10.49 -5.73 -5.27
CA THR A 77 -9.71 -4.98 -6.25
C THR A 77 -8.92 -3.79 -5.69
N ALA A 78 -9.21 -3.36 -4.46
CA ALA A 78 -8.54 -2.20 -3.87
C ALA A 78 -7.08 -2.52 -3.48
N VAL A 79 -6.15 -1.74 -4.01
CA VAL A 79 -4.72 -1.92 -3.74
C VAL A 79 -3.93 -0.61 -3.46
N ASP A 80 -4.57 0.54 -3.61
CA ASP A 80 -3.95 1.85 -3.35
C ASP A 80 -4.35 2.39 -1.98
N GLN A 81 -3.49 3.24 -1.40
CA GLN A 81 -3.68 3.74 -0.03
C GLN A 81 -4.98 4.49 0.18
N THR A 82 -5.37 5.35 -0.76
CA THR A 82 -6.62 6.14 -0.55
C THR A 82 -7.85 5.24 -0.47
N SER A 83 -7.96 4.29 -1.39
CA SER A 83 -9.09 3.35 -1.37
C SER A 83 -9.07 2.48 -0.11
N ILE A 84 -7.88 2.07 0.31
CA ILE A 84 -7.73 1.16 1.45
C ILE A 84 -8.06 1.85 2.78
N THR A 85 -7.58 3.08 2.99
CA THR A 85 -8.03 3.87 4.14
C THR A 85 -9.55 4.08 4.19
N LEU A 86 -10.19 4.37 3.05
CA LEU A 86 -11.63 4.51 3.05
C LEU A 86 -12.29 3.19 3.45
N LEU A 87 -11.87 2.11 2.83
CA LEU A 87 -12.45 0.78 3.12
C LEU A 87 -12.21 0.36 4.57
N ALA A 88 -11.05 0.71 5.14
CA ALA A 88 -10.76 0.40 6.55
C ALA A 88 -11.73 1.13 7.49
N ASN A 89 -12.37 2.18 7.00
CA ASN A 89 -13.28 3.01 7.79
C ASN A 89 -14.79 2.85 7.48
N VAL A 90 -15.14 2.47 6.25
CA VAL A 90 -16.53 2.13 5.92
C VAL A 90 -16.82 0.64 5.96
N MET A 91 -15.78 -0.20 6.00
CA MET A 91 -15.92 -1.63 6.15
C MET A 91 -15.09 -2.12 7.35
N GLU A 92 -15.19 -3.42 7.61
CA GLU A 92 -14.47 -4.06 8.72
C GLU A 92 -14.25 -5.54 8.39
N GLY A 93 -13.13 -6.08 8.88
CA GLY A 93 -12.80 -7.48 8.68
C GLY A 93 -12.80 -8.25 9.99
N LEU A 94 -12.27 -9.47 9.94
CA LEU A 94 -12.23 -10.32 11.13
C LEU A 94 -11.43 -9.69 12.26
N TYR A 95 -10.30 -9.07 11.89
CA TYR A 95 -9.41 -8.39 12.83
C TYR A 95 -9.12 -6.95 12.36
N ARG A 96 -8.74 -6.12 13.32
CA ARG A 96 -8.43 -4.71 13.13
C ARG A 96 -7.17 -4.40 13.94
N LEU A 97 -6.22 -3.68 13.34
CA LEU A 97 -4.98 -3.35 14.04
C LEU A 97 -5.20 -2.40 15.20
N ASP A 98 -4.51 -2.67 16.30
CA ASP A 98 -4.50 -1.78 17.45
C ASP A 98 -3.37 -0.75 17.33
N GLU A 99 -3.23 0.08 18.35
CA GLU A 99 -2.23 1.15 18.36
C GLU A 99 -0.78 0.66 18.20
N LYS A 100 -0.54 -0.62 18.45
CA LYS A 100 0.78 -1.23 18.27
C LYS A 100 0.86 -2.04 16.99
N ASN A 101 -0.10 -1.83 16.08
CA ASN A 101 -0.16 -2.54 14.81
C ASN A 101 -0.34 -4.06 14.93
N GLN A 102 -1.00 -4.49 16.01
CA GLN A 102 -1.27 -5.91 16.23
C GLN A 102 -2.75 -6.21 15.99
N PRO A 103 -3.05 -7.32 15.28
CA PRO A 103 -4.44 -7.65 14.98
C PRO A 103 -5.22 -7.98 16.25
N GLN A 104 -6.36 -7.31 16.44
CA GLN A 104 -7.27 -7.57 17.55
C GLN A 104 -8.65 -7.92 16.99
N PRO A 105 -9.44 -8.73 17.73
CA PRO A 105 -10.77 -9.18 17.25
C PRO A 105 -11.72 -8.04 16.88
N ALA A 106 -12.24 -8.07 15.66
CA ALA A 106 -13.17 -7.06 15.16
C ALA A 106 -14.50 -7.78 14.89
N ILE A 107 -14.70 -8.31 13.69
CA ILE A 107 -15.86 -9.18 13.43
C ILE A 107 -15.69 -10.54 14.13
N ALA A 108 -14.45 -11.04 14.19
CA ALA A 108 -14.13 -12.24 14.96
C ALA A 108 -14.34 -11.98 16.46
N ALA A 109 -14.85 -12.99 17.19
CA ALA A 109 -15.08 -12.86 18.62
C ALA A 109 -13.83 -13.07 19.46
N GLY A 110 -12.77 -13.57 18.84
CA GLY A 110 -11.52 -13.84 19.54
C GLY A 110 -10.43 -14.13 18.54
N GLN A 111 -9.19 -14.28 19.03
CA GLN A 111 -8.07 -14.72 18.20
C GLN A 111 -8.36 -16.12 17.64
N PRO A 112 -7.68 -16.51 16.55
CA PRO A 112 -7.94 -17.85 16.03
C PRO A 112 -7.49 -18.95 17.00
N LYS A 113 -8.23 -20.05 16.99
CA LYS A 113 -7.82 -21.26 17.65
C LYS A 113 -7.04 -22.07 16.62
N VAL A 114 -5.77 -22.29 16.88
CA VAL A 114 -4.88 -22.92 15.92
C VAL A 114 -4.64 -24.37 16.31
N SER A 115 -4.78 -25.28 15.35
CA SER A 115 -4.64 -26.71 15.60
C SER A 115 -3.91 -27.35 14.43
N ASN A 116 -3.78 -28.67 14.46
CA ASN A 116 -3.13 -29.39 13.35
C ASN A 116 -1.72 -28.85 13.05
N ASN A 117 -0.87 -28.84 14.08
CA ASN A 117 0.52 -28.43 13.96
C ASN A 117 0.66 -27.05 13.29
N GLY A 118 -0.11 -26.10 13.79
CA GLY A 118 -0.07 -24.73 13.28
C GLY A 118 -0.72 -24.46 11.93
N LYS A 119 -1.43 -25.44 11.36
CA LYS A 119 -1.99 -25.30 10.00
C LYS A 119 -3.51 -25.06 9.88
N THR A 120 -4.28 -25.37 10.91
CA THR A 120 -5.73 -25.15 10.89
C THR A 120 -6.12 -24.01 11.83
N TYR A 121 -6.83 -23.02 11.30
CA TYR A 121 -7.32 -21.87 12.04
C TYR A 121 -8.84 -21.95 12.14
N THR A 122 -9.38 -21.92 13.36
CA THR A 122 -10.82 -21.88 13.58
C THR A 122 -11.19 -20.56 14.24
N ILE A 123 -12.16 -19.88 13.64
CA ILE A 123 -12.52 -18.52 14.04
C ILE A 123 -14.04 -18.41 14.17
N VAL A 124 -14.50 -17.75 15.21
CA VAL A 124 -15.94 -17.58 15.42
C VAL A 124 -16.31 -16.10 15.20
N ILE A 125 -17.34 -15.87 14.38
CA ILE A 125 -17.85 -14.52 14.12
C ILE A 125 -18.74 -14.09 15.27
N ARG A 126 -18.54 -12.88 15.79
CA ARG A 126 -19.33 -12.44 16.94
C ARG A 126 -20.83 -12.33 16.65
N ASP A 127 -21.61 -12.53 17.71
CA ASP A 127 -23.04 -12.30 17.67
C ASP A 127 -23.25 -10.81 17.44
N GLY A 128 -24.09 -10.48 16.47
CA GLY A 128 -24.48 -9.09 16.26
C GLY A 128 -23.62 -8.34 15.26
N ALA A 129 -22.65 -9.01 14.65
CA ALA A 129 -21.91 -8.43 13.53
C ALA A 129 -22.89 -8.30 12.35
N LYS A 130 -23.06 -7.08 11.84
CA LYS A 130 -24.10 -6.79 10.83
C LYS A 130 -23.62 -5.96 9.62
N TRP A 131 -24.23 -6.23 8.48
CA TRP A 131 -24.16 -5.34 7.30
C TRP A 131 -24.95 -4.07 7.58
N SER A 132 -24.67 -3.01 6.81
CA SER A 132 -25.35 -1.73 6.98
C SER A 132 -26.88 -1.81 6.81
N ASP A 133 -27.37 -2.84 6.12
CA ASP A 133 -28.81 -3.08 5.97
C ASP A 133 -29.42 -3.85 7.14
N GLY A 134 -28.65 -4.11 8.19
CA GLY A 134 -29.18 -4.75 9.40
C GLY A 134 -29.07 -6.26 9.42
N THR A 135 -28.65 -6.87 8.31
CA THR A 135 -28.58 -8.33 8.22
C THR A 135 -27.26 -8.84 8.78
N GLN A 136 -27.28 -10.10 9.23
CA GLN A 136 -26.12 -10.68 9.92
C GLN A 136 -25.00 -11.00 8.94
N ILE A 137 -23.76 -10.82 9.39
CA ILE A 137 -22.60 -11.20 8.61
C ILE A 137 -22.33 -12.66 8.94
N THR A 138 -22.29 -13.51 7.92
CA THR A 138 -22.13 -14.94 8.13
C THR A 138 -20.76 -15.44 7.69
N ALA A 139 -20.42 -16.64 8.15
CA ALA A 139 -19.21 -17.31 7.73
C ALA A 139 -19.21 -17.51 6.21
N SER A 140 -20.38 -17.84 5.66
CA SER A 140 -20.56 -18.01 4.20
C SER A 140 -20.24 -16.76 3.36
N ASP A 141 -20.53 -15.57 3.90
CA ASP A 141 -20.07 -14.31 3.28
C ASP A 141 -18.54 -14.29 3.10
N PHE A 142 -17.80 -14.74 4.12
CA PHE A 142 -16.34 -14.79 4.03
C PHE A 142 -15.86 -15.83 3.02
N VAL A 143 -16.43 -17.03 3.07
CA VAL A 143 -16.07 -18.11 2.14
C VAL A 143 -16.20 -17.63 0.69
N ALA A 144 -17.37 -17.11 0.34
CA ALA A 144 -17.63 -16.60 -1.02
C ALA A 144 -16.72 -15.42 -1.41
N ALA A 145 -16.45 -14.52 -0.46
CA ALA A 145 -15.60 -13.36 -0.70
C ALA A 145 -14.19 -13.78 -1.08
N TRP A 146 -13.64 -14.72 -0.33
CA TRP A 146 -12.27 -15.18 -0.56
C TRP A 146 -12.14 -16.05 -1.82
N GLN A 147 -13.15 -16.88 -2.07
CA GLN A 147 -13.21 -17.61 -3.34
C GLN A 147 -13.17 -16.63 -4.52
N ARG A 148 -13.84 -15.51 -4.36
CA ARG A 148 -13.92 -14.50 -5.39
C ARG A 148 -12.56 -13.82 -5.66
N VAL A 149 -11.75 -13.64 -4.62
CA VAL A 149 -10.42 -13.05 -4.78
C VAL A 149 -9.48 -13.98 -5.57
N VAL A 150 -9.50 -15.27 -5.27
CA VAL A 150 -8.60 -16.23 -5.95
C VAL A 150 -9.10 -16.70 -7.33
N ASP A 151 -10.40 -16.57 -7.58
CA ASP A 151 -11.00 -16.87 -8.90
C ASP A 151 -10.28 -16.08 -10.00
N PRO A 152 -9.58 -16.77 -10.93
CA PRO A 152 -8.82 -16.07 -11.96
C PRO A 152 -9.68 -15.13 -12.79
N LYS A 153 -10.97 -15.44 -12.91
CA LYS A 153 -11.94 -14.57 -13.59
C LYS A 153 -12.05 -13.18 -12.98
N THR A 154 -11.79 -13.08 -11.68
CA THR A 154 -11.80 -11.78 -10.99
C THR A 154 -10.59 -10.91 -11.35
N VAL A 155 -9.48 -11.54 -11.71
CA VAL A 155 -8.23 -10.85 -12.02
C VAL A 155 -7.83 -9.89 -10.88
N SER A 156 -7.89 -10.40 -9.66
CA SER A 156 -7.61 -9.58 -8.49
C SER A 156 -6.13 -9.28 -8.37
N PRO A 157 -5.77 -8.00 -8.17
CA PRO A 157 -4.39 -7.69 -7.87
C PRO A 157 -3.96 -8.18 -6.49
N ASN A 158 -4.90 -8.69 -5.68
CA ASN A 158 -4.60 -9.12 -4.31
C ASN A 158 -4.42 -10.64 -4.14
N VAL A 159 -4.36 -11.37 -5.25
CA VAL A 159 -4.40 -12.84 -5.19
C VAL A 159 -3.24 -13.44 -4.39
N GLU A 160 -2.06 -12.81 -4.45
CA GLU A 160 -0.86 -13.31 -3.76
C GLU A 160 -1.03 -13.34 -2.23
N LEU A 161 -1.85 -12.45 -1.68
CA LEU A 161 -2.12 -12.42 -0.24
C LEU A 161 -2.81 -13.68 0.29
N PHE A 162 -3.38 -14.46 -0.63
CA PHE A 162 -4.09 -15.70 -0.28
C PHE A 162 -3.24 -16.96 -0.46
N SER A 163 -1.97 -16.79 -0.85
CA SER A 163 -1.10 -17.91 -1.22
C SER A 163 -0.83 -18.90 -0.11
N ALA A 164 -0.88 -18.42 1.13
CA ALA A 164 -0.70 -19.30 2.30
C ALA A 164 -1.77 -20.38 2.47
N ILE A 165 -2.97 -20.13 1.93
CA ILE A 165 -4.10 -21.03 2.13
C ILE A 165 -4.01 -22.22 1.19
N LYS A 166 -4.30 -23.41 1.70
CA LYS A 166 -4.24 -24.64 0.90
C LYS A 166 -5.08 -24.50 -0.37
N ASN A 167 -4.49 -24.96 -1.48
CA ASN A 167 -5.10 -24.93 -2.82
C ASN A 167 -5.11 -23.58 -3.51
N ALA A 168 -4.74 -22.50 -2.82
CA ALA A 168 -4.70 -21.18 -3.45
C ALA A 168 -3.71 -21.17 -4.64
N LYS A 169 -2.62 -21.92 -4.50
CA LYS A 169 -1.61 -22.08 -5.55
C LYS A 169 -2.17 -22.89 -6.73
N GLU A 170 -2.86 -23.99 -6.42
CA GLU A 170 -3.42 -24.88 -7.45
C GLU A 170 -4.57 -24.22 -8.21
N ILE A 171 -5.20 -23.23 -7.58
CA ILE A 171 -6.28 -22.44 -8.20
C ILE A 171 -5.66 -21.40 -9.13
N ALA A 172 -4.50 -20.87 -8.76
CA ALA A 172 -3.77 -19.90 -9.55
C ALA A 172 -3.20 -20.50 -10.84
N SER A 173 -2.72 -21.73 -10.77
CA SER A 173 -2.23 -22.44 -11.93
C SER A 173 -3.37 -22.85 -12.87
N GLY A 174 -4.59 -22.94 -12.35
CA GLY A 174 -5.73 -23.41 -13.11
C GLY A 174 -5.84 -24.92 -13.04
N LYS A 175 -5.12 -25.53 -12.10
CA LYS A 175 -5.21 -26.96 -11.87
C LYS A 175 -6.51 -27.33 -11.16
N GLN A 176 -7.07 -26.38 -10.40
CA GLN A 176 -8.22 -26.63 -9.54
C GLN A 176 -9.24 -25.48 -9.57
N ALA A 177 -10.50 -25.81 -9.33
CA ALA A 177 -11.57 -24.81 -9.25
C ALA A 177 -11.53 -24.04 -7.92
N LYS A 178 -12.11 -22.84 -7.92
CA LYS A 178 -12.08 -21.96 -6.74
C LYS A 178 -12.77 -22.56 -5.50
N ASP A 179 -13.70 -23.49 -5.70
CA ASP A 179 -14.39 -24.14 -4.57
C ASP A 179 -13.45 -25.04 -3.74
N THR A 180 -12.27 -25.34 -4.27
CA THR A 180 -11.27 -26.14 -3.56
C THR A 180 -10.48 -25.32 -2.52
N LEU A 181 -10.63 -24.00 -2.51
CA LEU A 181 -9.92 -23.17 -1.51
C LEU A 181 -10.24 -23.71 -0.11
N ALA A 182 -9.20 -23.96 0.69
CA ALA A 182 -9.38 -24.65 1.98
C ALA A 182 -9.90 -23.70 3.05
N VAL A 183 -11.09 -23.18 2.79
CA VAL A 183 -11.83 -22.35 3.73
C VAL A 183 -13.27 -22.85 3.72
N LYS A 184 -13.85 -23.07 4.91
CA LYS A 184 -15.24 -23.52 5.00
C LYS A 184 -15.98 -22.93 6.20
N SER A 185 -17.29 -22.80 6.05
CA SER A 185 -18.18 -22.46 7.15
C SER A 185 -18.62 -23.72 7.89
N ILE A 186 -18.81 -23.58 9.20
CA ILE A 186 -19.45 -24.59 10.02
C ILE A 186 -20.60 -23.84 10.71
N GLY A 187 -21.83 -24.09 10.26
CA GLY A 187 -22.96 -23.29 10.72
C GLY A 187 -22.89 -21.90 10.09
N GLU A 188 -23.44 -20.91 10.78
N GLU A 188 -23.44 -20.91 10.78
CA GLU A 188 -23.47 -19.55 10.24
CA GLU A 188 -23.49 -19.54 10.27
C GLU A 188 -22.34 -18.66 10.80
C GLU A 188 -22.34 -18.68 10.80
N LYS A 189 -21.74 -19.07 11.92
CA LYS A 189 -20.78 -18.22 12.66
C LYS A 189 -19.36 -18.75 12.81
N THR A 190 -19.05 -19.92 12.27
CA THR A 190 -17.70 -20.48 12.43
C THR A 190 -17.02 -20.66 11.08
N LEU A 191 -15.76 -20.24 11.02
CA LEU A 191 -14.89 -20.39 9.87
C LEU A 191 -13.74 -21.33 10.21
N GLU A 192 -13.43 -22.27 9.33
CA GLU A 192 -12.22 -23.09 9.46
C GLU A 192 -11.35 -22.92 8.21
N ILE A 193 -10.06 -22.63 8.41
CA ILE A 193 -9.11 -22.38 7.32
C ILE A 193 -7.94 -23.31 7.48
N GLU A 194 -7.51 -23.95 6.39
CA GLU A 194 -6.28 -24.74 6.39
C GLU A 194 -5.17 -24.09 5.55
N LEU A 195 -4.01 -23.93 6.17
CA LEU A 195 -2.83 -23.38 5.52
C LEU A 195 -1.90 -24.48 5.00
N VAL A 196 -1.08 -24.13 4.02
CA VAL A 196 -0.10 -25.07 3.48
C VAL A 196 0.95 -25.40 4.53
N GLU A 197 1.39 -24.39 5.29
CA GLU A 197 2.37 -24.58 6.33
C GLU A 197 2.12 -23.55 7.44
N PRO A 198 2.76 -23.70 8.61
CA PRO A 198 2.58 -22.70 9.66
C PRO A 198 3.04 -21.34 9.19
N THR A 199 2.20 -20.33 9.43
CA THR A 199 2.41 -19.02 8.89
C THR A 199 2.18 -18.00 10.02
N PRO A 200 3.26 -17.55 10.67
CA PRO A 200 3.16 -16.68 11.85
C PRO A 200 2.37 -15.39 11.66
N TYR A 201 2.40 -14.82 10.46
CA TYR A 201 1.71 -13.58 10.15
C TYR A 201 0.28 -13.76 9.58
N PHE A 202 -0.27 -14.98 9.62
CA PHE A 202 -1.57 -15.21 8.98
C PHE A 202 -2.71 -14.40 9.62
N THR A 203 -2.73 -14.28 10.94
CA THR A 203 -3.72 -13.42 11.58
C THR A 203 -3.57 -11.97 11.11
N ASP A 204 -2.34 -11.53 10.86
CA ASP A 204 -2.13 -10.20 10.27
C ASP A 204 -2.78 -10.06 8.90
N LEU A 205 -2.69 -11.09 8.07
CA LEU A 205 -3.33 -11.06 6.75
C LEU A 205 -4.85 -10.93 6.85
N LEU A 206 -5.42 -11.56 7.88
CA LEU A 206 -6.88 -11.52 8.11
C LEU A 206 -7.37 -10.14 8.53
N SER A 207 -6.46 -9.20 8.81
CA SER A 207 -6.85 -7.82 9.13
C SER A 207 -6.85 -6.92 7.88
N LEU A 208 -6.37 -7.44 6.76
CA LEU A 208 -6.22 -6.63 5.54
C LEU A 208 -7.55 -6.47 4.82
N THR A 209 -7.75 -5.32 4.21
CA THR A 209 -8.98 -5.04 3.46
C THR A 209 -9.25 -6.13 2.42
N ALA A 210 -8.21 -6.69 1.81
CA ALA A 210 -8.37 -7.79 0.84
C ALA A 210 -9.11 -9.01 1.40
N TYR A 211 -8.98 -9.23 2.71
CA TYR A 211 -9.69 -10.31 3.41
C TYR A 211 -11.06 -9.90 3.99
N TYR A 212 -11.52 -8.68 3.72
CA TYR A 212 -12.85 -8.25 4.20
C TYR A 212 -13.94 -9.11 3.55
N PRO A 213 -15.07 -9.28 4.25
CA PRO A 213 -16.18 -9.95 3.61
C PRO A 213 -16.87 -9.01 2.62
N VAL A 214 -17.62 -9.58 1.69
CA VAL A 214 -18.61 -8.84 0.94
C VAL A 214 -19.92 -9.58 1.09
N GLN A 215 -21.02 -8.85 0.99
CA GLN A 215 -22.35 -9.41 1.25
C GLN A 215 -22.80 -10.25 0.06
N GLN A 216 -23.13 -11.51 0.28
CA GLN A 216 -23.53 -12.40 -0.81
C GLN A 216 -24.71 -11.83 -1.61
N LYS A 217 -25.71 -11.30 -0.93
CA LYS A 217 -26.91 -10.74 -1.58
C LYS A 217 -26.54 -9.58 -2.53
N ALA A 218 -25.71 -8.67 -2.06
CA ALA A 218 -25.21 -7.55 -2.87
C ALA A 218 -24.39 -8.01 -4.07
N ILE A 219 -23.54 -9.00 -3.87
CA ILE A 219 -22.70 -9.54 -4.95
C ILE A 219 -23.57 -10.19 -6.03
N LYS A 220 -24.58 -10.94 -5.61
CA LYS A 220 -25.51 -11.57 -6.54
C LYS A 220 -26.29 -10.52 -7.34
N GLU A 221 -26.64 -9.43 -6.66
CA GLU A 221 -27.46 -8.38 -7.26
C GLU A 221 -26.69 -7.54 -8.26
N TYR A 222 -25.48 -7.12 -7.88
CA TYR A 222 -24.70 -6.18 -8.69
C TYR A 222 -23.73 -6.87 -9.64
N GLY A 223 -23.36 -8.12 -9.33
CA GLY A 223 -22.41 -8.89 -10.15
C GLY A 223 -21.17 -8.12 -10.57
N LYS A 224 -20.95 -8.01 -11.88
CA LYS A 224 -19.78 -7.33 -12.42
C LYS A 224 -19.74 -5.83 -12.13
N ASP A 225 -20.89 -5.25 -11.80
CA ASP A 225 -20.96 -3.83 -11.45
C ASP A 225 -20.79 -3.57 -9.95
N TYR A 226 -20.45 -4.60 -9.17
CA TYR A 226 -20.16 -4.35 -7.77
C TYR A 226 -19.03 -3.33 -7.62
N GLY A 227 -19.27 -2.30 -6.83
CA GLY A 227 -18.26 -1.28 -6.55
C GLY A 227 -18.12 -0.22 -7.63
N VAL A 228 -19.00 -0.23 -8.64
CA VAL A 228 -18.96 0.77 -9.70
C VAL A 228 -19.24 2.17 -9.13
N SER A 229 -20.04 2.24 -8.07
CA SER A 229 -20.35 3.51 -7.42
C SER A 229 -20.78 3.30 -5.98
N GLN A 230 -20.98 4.42 -5.29
CA GLN A 230 -21.49 4.43 -3.92
C GLN A 230 -22.82 3.67 -3.75
N LYS A 231 -23.56 3.48 -4.83
CA LYS A 231 -24.85 2.77 -4.78
C LYS A 231 -24.73 1.27 -5.04
N ALA A 232 -23.55 0.81 -5.45
CA ALA A 232 -23.35 -0.60 -5.82
C ALA A 232 -22.45 -1.35 -4.82
N ILE A 233 -22.55 -0.96 -3.55
CA ILE A 233 -21.82 -1.63 -2.46
C ILE A 233 -22.74 -1.76 -1.25
N VAL A 234 -22.42 -2.73 -0.39
CA VAL A 234 -23.03 -2.86 0.92
C VAL A 234 -21.88 -3.04 1.90
N THR A 235 -21.79 -2.13 2.86
CA THR A 235 -20.64 -2.08 3.76
C THR A 235 -21.03 -2.43 5.19
N ASN A 236 -20.04 -2.48 6.08
CA ASN A 236 -20.29 -2.99 7.44
C ASN A 236 -19.45 -2.37 8.54
N GLY A 237 -18.91 -1.17 8.29
CA GLY A 237 -17.94 -0.57 9.19
C GLY A 237 -18.47 0.53 10.08
N ALA A 238 -17.55 1.23 10.73
CA ALA A 238 -17.87 2.30 11.67
C ALA A 238 -18.66 3.42 11.01
N PHE A 239 -18.38 3.66 9.74
CA PHE A 239 -19.05 4.69 8.96
C PHE A 239 -19.64 4.12 7.69
N ASN A 240 -20.65 4.81 7.14
CA ASN A 240 -21.21 4.50 5.84
C ASN A 240 -20.66 5.51 4.83
N LEU A 241 -20.52 5.11 3.58
CA LEU A 241 -20.11 6.07 2.53
C LEU A 241 -21.38 6.74 2.05
N THR A 242 -21.54 8.03 2.36
CA THR A 242 -22.80 8.75 2.08
C THR A 242 -22.71 9.73 0.91
N ASN A 243 -21.50 10.10 0.48
CA ASN A 243 -21.33 11.01 -0.65
C ASN A 243 -20.03 10.71 -1.41
N LEU A 244 -20.16 10.24 -2.64
CA LEU A 244 -19.00 10.00 -3.51
C LEU A 244 -19.54 9.92 -4.95
N GLU A 245 -19.30 10.99 -5.71
CA GLU A 245 -19.93 11.12 -7.02
C GLU A 245 -19.38 10.16 -8.07
N GLY A 246 -18.07 10.04 -8.15
CA GLY A 246 -17.44 9.23 -9.19
C GLY A 246 -16.17 8.53 -8.71
N VAL A 247 -16.17 7.21 -8.75
CA VAL A 247 -14.98 6.44 -8.40
C VAL A 247 -13.91 6.72 -9.43
N GLY A 248 -12.70 7.03 -8.97
CA GLY A 248 -11.58 7.31 -9.87
C GLY A 248 -11.37 8.79 -10.19
N THR A 249 -12.37 9.63 -9.92
CA THR A 249 -12.32 11.03 -10.32
C THR A 249 -12.69 12.09 -9.27
N SER A 250 -13.56 11.77 -8.30
CA SER A 250 -14.05 12.77 -7.33
C SER A 250 -12.95 13.25 -6.37
N ASP A 251 -12.84 14.57 -6.20
N ASP A 251 -12.84 14.57 -6.19
CA ASP A 251 -11.88 15.17 -5.28
CA ASP A 251 -11.87 15.14 -5.26
C ASP A 251 -12.45 15.35 -3.87
C ASP A 251 -12.43 15.32 -3.84
N LYS A 252 -13.71 14.98 -3.66
CA LYS A 252 -14.38 15.10 -2.37
C LYS A 252 -15.24 13.88 -2.09
N TRP A 253 -15.29 13.46 -0.82
CA TRP A 253 -16.27 12.50 -0.38
C TRP A 253 -16.57 12.65 1.11
N THR A 254 -17.69 12.06 1.54
CA THR A 254 -18.13 12.14 2.93
C THR A 254 -18.55 10.76 3.43
N ILE A 255 -18.15 10.43 4.67
CA ILE A 255 -18.62 9.23 5.35
C ILE A 255 -19.36 9.67 6.60
N SER A 256 -20.34 8.87 7.02
CA SER A 256 -21.22 9.23 8.14
C SER A 256 -21.38 8.03 9.07
N LYS A 257 -21.60 8.29 10.35
CA LYS A 257 -21.71 7.20 11.32
C LYS A 257 -22.75 6.15 10.90
N ASN A 258 -22.33 4.89 10.93
CA ASN A 258 -23.18 3.74 10.63
C ASN A 258 -23.85 3.24 11.92
N LYS A 259 -25.13 3.58 12.08
CA LYS A 259 -25.87 3.23 13.30
C LYS A 259 -26.13 1.72 13.42
N GLU A 260 -25.94 0.97 12.33
CA GLU A 260 -26.09 -0.49 12.35
C GLU A 260 -24.79 -1.23 12.65
N TYR A 261 -23.71 -0.48 12.85
CA TYR A 261 -22.40 -1.05 13.19
C TYR A 261 -22.43 -1.68 14.58
N TRP A 262 -21.86 -2.88 14.73
CA TRP A 262 -21.99 -3.62 16.00
C TRP A 262 -21.40 -2.84 17.17
N ASP A 263 -20.33 -2.08 16.91
CA ASP A 263 -19.67 -1.30 17.94
C ASP A 263 -19.92 0.21 17.80
N GLN A 264 -21.11 0.57 17.32
CA GLN A 264 -21.48 1.97 17.14
C GLN A 264 -21.33 2.82 18.42
N LYS A 265 -21.49 2.19 19.59
CA LYS A 265 -21.34 2.89 20.87
C LYS A 265 -19.96 3.57 21.07
N ASP A 266 -18.93 3.06 20.41
CA ASP A 266 -17.58 3.64 20.47
C ASP A 266 -17.32 4.80 19.50
N VAL A 267 -18.26 5.04 18.57
CA VAL A 267 -18.07 6.00 17.50
C VAL A 267 -18.72 7.34 17.86
N SER A 268 -17.91 8.41 17.90
CA SER A 268 -18.42 9.76 18.21
C SER A 268 -18.70 10.63 16.99
N MET A 269 -17.94 10.45 15.92
CA MET A 269 -18.07 11.34 14.77
C MET A 269 -19.39 11.12 14.04
N ASP A 270 -20.08 12.22 13.74
CA ASP A 270 -21.31 12.20 12.95
C ASP A 270 -20.97 12.05 11.48
N LYS A 271 -19.97 12.80 11.04
CA LYS A 271 -19.44 12.65 9.68
C LYS A 271 -18.04 13.21 9.56
N ILE A 272 -17.33 12.68 8.58
CA ILE A 272 -16.00 13.12 8.24
C ILE A 272 -15.99 13.37 6.73
N ASN A 273 -15.56 14.56 6.34
CA ASN A 273 -15.41 14.95 4.94
C ASN A 273 -13.96 14.76 4.50
N PHE A 274 -13.74 14.46 3.22
CA PHE A 274 -12.38 14.33 2.69
C PHE A 274 -12.21 15.21 1.46
N GLN A 275 -11.04 15.83 1.33
CA GLN A 275 -10.68 16.67 0.20
C GLN A 275 -9.31 16.29 -0.32
N VAL A 276 -9.19 16.03 -1.62
CA VAL A 276 -7.90 15.73 -2.21
C VAL A 276 -7.05 17.00 -2.24
N VAL A 277 -5.80 16.90 -1.80
CA VAL A 277 -4.86 18.02 -1.84
C VAL A 277 -3.66 17.63 -2.70
N LYS A 278 -3.49 18.34 -3.82
CA LYS A 278 -2.37 18.10 -4.72
C LYS A 278 -1.33 19.22 -4.62
N GLU A 279 -1.77 20.40 -4.20
CA GLU A 279 -0.90 21.58 -4.07
C GLU A 279 -0.84 22.01 -2.61
N ILE A 280 0.36 21.91 -2.04
CA ILE A 280 0.55 22.07 -0.58
C ILE A 280 0.23 23.49 -0.09
N ASN A 281 0.55 24.50 -0.89
CA ASN A 281 0.22 25.89 -0.56
C ASN A 281 -1.27 26.07 -0.31
N THR A 282 -2.09 25.41 -1.13
CA THR A 282 -3.54 25.53 -1.01
C THR A 282 -4.04 24.82 0.26
N GLY A 283 -3.50 23.65 0.57
CA GLY A 283 -3.88 22.92 1.78
C GLY A 283 -3.60 23.75 3.03
N ILE A 284 -2.44 24.39 3.06
CA ILE A 284 -2.03 25.19 4.19
C ILE A 284 -2.94 26.41 4.36
N ASN A 285 -3.20 27.10 3.26
N ASN A 285 -3.21 27.11 3.26
CA ASN A 285 -4.06 28.28 3.26
CA ASN A 285 -4.11 28.27 3.28
C ASN A 285 -5.49 27.94 3.73
C ASN A 285 -5.49 27.91 3.79
N LEU A 286 -6.02 26.81 3.26
CA LEU A 286 -7.31 26.29 3.74
C LEU A 286 -7.26 25.95 5.23
N TYR A 287 -6.20 25.26 5.63
CA TYR A 287 -5.99 24.89 7.03
C TYR A 287 -5.96 26.12 7.94
N ASN A 288 -5.18 27.14 7.58
CA ASN A 288 -5.07 28.37 8.37
C ASN A 288 -6.37 29.17 8.43
N ASP A 289 -7.23 28.99 7.43
CA ASP A 289 -8.54 29.64 7.43
C ASP A 289 -9.63 28.80 8.09
N GLY A 290 -9.28 27.62 8.62
CA GLY A 290 -10.25 26.73 9.27
C GLY A 290 -11.13 25.95 8.30
N GLN A 291 -10.70 25.85 7.06
CA GLN A 291 -11.44 25.12 6.03
C GLN A 291 -10.97 23.67 5.86
N LEU A 292 -9.84 23.34 6.46
CA LEU A 292 -9.37 21.97 6.56
C LEU A 292 -8.86 21.75 7.98
N ASP A 293 -9.01 20.52 8.48
CA ASP A 293 -8.54 20.19 9.83
C ASP A 293 -7.18 19.46 9.82
N GLU A 294 -6.65 19.20 8.63
CA GLU A 294 -5.26 18.75 8.49
C GLU A 294 -4.73 19.25 7.15
N ALA A 295 -3.41 19.30 7.04
CA ALA A 295 -2.73 19.73 5.84
C ALA A 295 -1.41 18.98 5.67
N PRO A 296 -1.20 18.32 4.52
CA PRO A 296 0.08 17.64 4.32
C PRO A 296 1.19 18.64 4.08
N LEU A 297 2.42 18.24 4.42
CA LEU A 297 3.60 19.11 4.31
C LEU A 297 4.82 18.41 3.70
N ALA A 298 5.60 19.18 2.93
CA ALA A 298 6.89 18.74 2.42
C ALA A 298 7.70 19.96 1.96
N GLY A 299 8.98 19.76 1.67
CA GLY A 299 9.87 20.81 1.16
C GLY A 299 9.86 22.09 1.95
N GLU A 300 9.86 23.23 1.26
CA GLU A 300 9.89 24.53 1.91
C GLU A 300 8.72 24.73 2.88
N TYR A 301 7.56 24.13 2.58
CA TYR A 301 6.39 24.26 3.45
C TYR A 301 6.65 23.56 4.79
N ALA A 302 7.21 22.36 4.72
CA ALA A 302 7.58 21.62 5.95
C ALA A 302 8.65 22.37 6.73
N LYS A 303 9.66 22.87 6.02
CA LYS A 303 10.72 23.70 6.63
C LYS A 303 10.14 24.86 7.46
N GLN A 304 9.16 25.56 6.91
N GLN A 304 9.15 25.55 6.88
CA GLN A 304 8.58 26.71 7.62
CA GLN A 304 8.49 26.69 7.50
C GLN A 304 7.64 26.33 8.79
C GLN A 304 7.66 26.32 8.75
N TYR A 305 6.97 25.18 8.70
CA TYR A 305 6.01 24.77 9.75
C TYR A 305 6.54 23.73 10.76
N LYS A 306 7.81 23.37 10.59
CA LYS A 306 8.51 22.35 11.39
C LYS A 306 8.38 22.57 12.91
N LYS A 307 8.41 23.82 13.34
CA LYS A 307 8.38 24.15 14.77
C LYS A 307 6.99 24.50 15.28
N ASP A 308 5.96 24.32 14.45
CA ASP A 308 4.59 24.63 14.85
C ASP A 308 4.10 23.61 15.87
N LYS A 309 3.28 24.05 16.80
CA LYS A 309 2.73 23.16 17.83
C LYS A 309 1.85 22.07 17.25
N GLU A 310 1.30 22.30 16.06
CA GLU A 310 0.40 21.33 15.41
C GLU A 310 1.07 20.48 14.33
N TYR A 311 2.40 20.61 14.21
CA TYR A 311 3.21 19.82 13.26
C TYR A 311 3.53 18.43 13.83
N SER A 312 3.48 17.41 12.98
CA SER A 312 4.05 16.10 13.35
C SER A 312 4.64 15.44 12.11
N THR A 313 5.65 14.60 12.30
CA THR A 313 6.10 13.70 11.23
C THR A 313 6.20 12.29 11.78
N THR A 314 5.78 11.32 10.98
CA THR A 314 5.66 9.93 11.40
C THR A 314 6.24 9.06 10.29
N LEU A 315 7.23 8.23 10.63
CA LEU A 315 7.92 7.40 9.63
C LEU A 315 7.07 6.20 9.27
N MET A 316 6.92 5.95 7.98
CA MET A 316 6.06 4.86 7.49
C MET A 316 6.90 3.69 6.95
N ALA A 317 6.31 2.49 6.96
CA ALA A 317 6.93 1.29 6.38
C ALA A 317 6.66 1.26 4.86
N ASN A 318 7.24 2.24 4.17
CA ASN A 318 6.82 2.60 2.82
C ASN A 318 8.07 3.04 2.05
N THR A 319 8.45 2.27 1.03
CA THR A 319 9.58 2.60 0.18
C THR A 319 9.06 3.11 -1.17
N MET A 320 9.57 4.25 -1.62
CA MET A 320 9.32 4.71 -3.00
C MET A 320 10.46 4.21 -3.91
N PHE A 321 10.08 3.64 -5.06
CA PHE A 321 11.01 3.04 -6.01
C PHE A 321 11.01 3.77 -7.34
N LEU A 322 12.09 3.56 -8.12
CA LEU A 322 12.01 3.61 -9.57
C LEU A 322 11.83 2.17 -10.03
N GLU A 323 10.62 1.84 -10.47
CA GLU A 323 10.37 0.56 -11.11
C GLU A 323 10.83 0.68 -12.55
N MET A 324 11.33 -0.43 -13.09
CA MET A 324 11.97 -0.44 -14.41
C MET A 324 11.39 -1.57 -15.25
N ASN A 325 10.92 -1.23 -16.46
CA ASN A 325 10.37 -2.21 -17.38
C ASN A 325 11.48 -3.08 -17.99
N GLN A 326 11.54 -4.32 -17.52
CA GLN A 326 12.60 -5.28 -17.90
C GLN A 326 12.02 -6.47 -18.67
N THR A 327 10.90 -6.27 -19.37
CA THR A 327 10.28 -7.34 -20.16
C THR A 327 11.07 -7.68 -21.43
N GLY A 328 11.90 -6.74 -21.88
CA GLY A 328 12.60 -6.86 -23.15
C GLY A 328 12.16 -5.78 -24.13
N GLU A 329 10.97 -5.22 -23.93
CA GLU A 329 10.47 -4.14 -24.77
C GLU A 329 11.45 -2.96 -24.76
N ASN A 330 11.97 -2.60 -23.59
CA ASN A 330 12.94 -1.51 -23.49
C ASN A 330 14.36 -2.06 -23.46
N LYS A 331 15.13 -1.70 -24.48
CA LYS A 331 16.48 -2.22 -24.67
C LYS A 331 17.47 -1.68 -23.64
N LEU A 332 17.30 -0.42 -23.25
CA LEU A 332 18.14 0.17 -22.22
C LEU A 332 17.96 -0.53 -20.85
N LEU A 333 16.72 -0.69 -20.40
CA LEU A 333 16.48 -1.21 -19.04
C LEU A 333 16.66 -2.71 -18.92
N GLN A 334 16.73 -3.38 -20.08
CA GLN A 334 17.13 -4.79 -20.15
C GLN A 334 18.63 -4.98 -19.84
N ASN A 335 19.42 -3.92 -20.03
CA ASN A 335 20.87 -3.97 -19.77
C ASN A 335 21.17 -3.74 -18.28
N LYS A 336 21.82 -4.71 -17.64
CA LYS A 336 22.09 -4.65 -16.20
C LYS A 336 22.97 -3.44 -15.83
N ASN A 337 23.95 -3.11 -16.66
CA ASN A 337 24.80 -1.93 -16.39
C ASN A 337 24.05 -0.60 -16.40
N VAL A 338 23.05 -0.46 -17.27
CA VAL A 338 22.21 0.72 -17.29
C VAL A 338 21.48 0.83 -15.94
N ARG A 339 20.88 -0.28 -15.50
CA ARG A 339 20.13 -0.28 -14.23
C ARG A 339 21.03 0.10 -13.04
N LYS A 340 22.25 -0.45 -13.01
CA LYS A 340 23.19 -0.13 -11.95
C LYS A 340 23.66 1.32 -12.03
N ALA A 341 23.83 1.84 -13.25
CA ALA A 341 24.14 3.27 -13.41
C ALA A 341 23.04 4.15 -12.81
N ILE A 342 21.79 3.79 -13.07
CA ILE A 342 20.64 4.54 -12.53
C ILE A 342 20.69 4.52 -11.00
N ASN A 343 20.87 3.34 -10.43
CA ASN A 343 20.96 3.20 -8.97
C ASN A 343 22.05 4.08 -8.36
N TYR A 344 23.28 3.98 -8.89
CA TYR A 344 24.40 4.74 -8.31
C TYR A 344 24.27 6.25 -8.51
N ALA A 345 23.49 6.67 -9.52
CA ALA A 345 23.35 8.08 -9.83
C ALA A 345 22.41 8.84 -8.89
N ILE A 346 21.58 8.14 -8.11
CA ILE A 346 20.59 8.82 -7.25
C ILE A 346 21.18 9.29 -5.93
N ASP A 347 21.27 10.60 -5.75
CA ASP A 347 21.71 11.20 -4.50
C ASP A 347 20.53 11.27 -3.56
N ARG A 348 20.33 10.18 -2.82
CA ARG A 348 19.17 10.03 -1.94
C ARG A 348 19.18 11.03 -0.78
N GLU A 349 20.36 11.30 -0.21
CA GLU A 349 20.44 12.22 0.91
C GLU A 349 20.03 13.64 0.52
N SER A 350 20.46 14.10 -0.66
N SER A 350 20.47 14.07 -0.66
CA SER A 350 20.04 15.40 -1.15
CA SER A 350 20.08 15.36 -1.21
C SER A 350 18.53 15.48 -1.37
C SER A 350 18.56 15.48 -1.41
N LEU A 351 17.95 14.42 -1.93
CA LEU A 351 16.49 14.38 -2.13
C LEU A 351 15.73 14.54 -0.82
N VAL A 352 16.08 13.74 0.18
CA VAL A 352 15.32 13.75 1.43
C VAL A 352 15.58 15.00 2.28
N LYS A 353 16.81 15.52 2.23
CA LYS A 353 17.17 16.73 3.00
C LYS A 353 16.56 18.01 2.42
N LYS A 354 16.59 18.14 1.10
CA LYS A 354 16.25 19.39 0.43
C LYS A 354 14.85 19.36 -0.11
N LEU A 355 14.54 18.33 -0.89
CA LEU A 355 13.24 18.23 -1.55
C LEU A 355 12.11 17.87 -0.60
N LEU A 356 12.29 16.82 0.21
CA LEU A 356 11.24 16.36 1.11
C LEU A 356 11.26 17.09 2.44
N ASP A 357 12.40 17.00 3.13
CA ASP A 357 12.68 17.80 4.33
C ASP A 357 11.57 17.69 5.39
N ASN A 358 11.09 16.47 5.61
CA ASN A 358 9.90 16.27 6.44
C ASN A 358 9.91 14.95 7.20
N GLY A 359 11.09 14.44 7.52
CA GLY A 359 11.21 13.21 8.27
C GLY A 359 11.28 11.96 7.43
N SER A 360 11.20 12.10 6.10
CA SER A 360 11.50 10.98 5.22
C SER A 360 12.99 10.69 5.32
N VAL A 361 13.40 9.46 4.98
CA VAL A 361 14.82 9.10 5.05
C VAL A 361 15.27 8.30 3.83
N ALA A 362 16.55 8.39 3.51
CA ALA A 362 17.14 7.62 2.42
C ALA A 362 16.89 6.13 2.61
N SER A 363 16.60 5.44 1.50
CA SER A 363 16.48 3.98 1.52
C SER A 363 17.85 3.35 1.71
N VAL A 364 17.92 2.28 2.49
CA VAL A 364 19.14 1.46 2.60
C VAL A 364 19.00 0.13 1.86
N GLY A 365 17.79 -0.15 1.40
CA GLY A 365 17.51 -1.38 0.67
C GLY A 365 16.08 -1.33 0.19
N VAL A 366 15.57 -2.45 -0.29
CA VAL A 366 14.16 -2.54 -0.71
C VAL A 366 13.25 -2.40 0.52
N VAL A 367 13.62 -3.08 1.60
CA VAL A 367 12.80 -3.14 2.82
C VAL A 367 13.11 -1.91 3.67
N PRO A 368 12.06 -1.22 4.16
CA PRO A 368 12.28 -0.05 5.01
C PRO A 368 12.70 -0.37 6.44
N LYS A 369 13.26 0.65 7.12
CA LYS A 369 13.68 0.51 8.52
C LYS A 369 12.49 0.61 9.46
N GLU A 370 12.68 0.09 10.67
CA GLU A 370 11.72 0.19 11.79
C GLU A 370 10.42 -0.57 11.54
N MET A 371 10.43 -1.52 10.62
CA MET A 371 9.23 -2.26 10.27
C MET A 371 9.26 -3.64 10.91
N ALA A 372 10.32 -4.39 10.61
CA ALA A 372 10.41 -5.81 10.98
C ALA A 372 11.67 -6.07 11.78
N PHE A 373 11.52 -6.72 12.92
CA PHE A 373 12.64 -7.04 13.81
C PHE A 373 12.73 -8.56 14.05
N ASN A 374 13.96 -9.06 14.10
CA ASN A 374 14.21 -10.48 14.28
C ASN A 374 13.71 -10.91 15.66
N PRO A 375 12.88 -11.96 15.72
CA PRO A 375 12.43 -12.47 17.03
C PRO A 375 13.57 -12.88 17.95
N VAL A 376 14.58 -13.53 17.38
CA VAL A 376 15.70 -14.06 18.19
C VAL A 376 16.57 -12.94 18.76
N ASN A 377 17.08 -12.04 17.91
CA ASN A 377 18.05 -11.02 18.36
C ASN A 377 17.56 -9.57 18.34
N LYS A 378 16.29 -9.36 17.94
CA LYS A 378 15.66 -8.04 17.94
C LYS A 378 16.22 -7.03 16.93
N LYS A 379 17.08 -7.48 16.02
CA LYS A 379 17.69 -6.59 15.03
C LYS A 379 16.69 -6.23 13.92
N ASP A 380 16.70 -4.97 13.51
CA ASP A 380 15.95 -4.50 12.34
C ASP A 380 16.39 -5.31 11.12
N PHE A 381 15.46 -5.75 10.28
CA PHE A 381 15.79 -6.46 9.02
C PHE A 381 16.62 -5.57 8.09
N ALA A 382 16.28 -4.30 8.08
CA ALA A 382 16.95 -3.33 7.21
C ALA A 382 18.18 -2.75 7.94
N ASN A 383 19.20 -3.58 8.15
CA ASN A 383 20.36 -3.16 8.92
C ASN A 383 21.67 -3.09 8.14
N GLU A 384 21.55 -3.09 6.81
CA GLU A 384 22.70 -3.00 5.91
C GLU A 384 22.48 -1.89 4.90
N LYS A 385 23.52 -1.11 4.63
CA LYS A 385 23.45 -0.06 3.63
C LYS A 385 23.76 -0.68 2.26
N LEU A 386 22.71 -1.17 1.60
CA LEU A 386 22.85 -1.96 0.36
C LEU A 386 22.84 -1.13 -0.92
N VAL A 387 22.37 0.11 -0.83
CA VAL A 387 22.42 1.06 -1.94
C VAL A 387 22.97 2.36 -1.42
N GLU A 388 23.74 3.05 -2.26
CA GLU A 388 24.28 4.36 -1.91
C GLU A 388 24.78 5.10 -3.14
N PHE A 389 24.45 6.39 -3.21
CA PHE A 389 24.98 7.32 -4.19
C PHE A 389 26.48 7.18 -4.39
N ASN A 390 26.89 7.02 -5.64
CA ASN A 390 28.30 7.04 -6.02
C ASN A 390 28.38 7.48 -7.48
N LYS A 391 28.49 8.80 -7.67
CA LYS A 391 28.49 9.43 -9.00
C LYS A 391 29.53 8.83 -9.95
N LYS A 392 30.76 8.64 -9.47
CA LYS A 392 31.82 8.09 -10.34
C LYS A 392 31.48 6.67 -10.81
N GLN A 393 30.95 5.82 -9.94
CA GLN A 393 30.53 4.47 -10.37
C GLN A 393 29.34 4.51 -11.35
N ALA A 394 28.42 5.44 -11.14
CA ALA A 394 27.30 5.65 -12.07
C ALA A 394 27.83 5.95 -13.46
N GLU A 395 28.75 6.91 -13.54
CA GLU A 395 29.36 7.32 -14.81
C GLU A 395 30.06 6.14 -15.48
N GLU A 396 30.76 5.34 -14.68
CA GLU A 396 31.48 4.22 -15.22
C GLU A 396 30.60 3.05 -15.67
N TYR A 397 29.52 2.77 -14.94
CA TYR A 397 28.58 1.74 -15.38
C TYR A 397 27.89 2.17 -16.69
N TRP A 398 27.62 3.47 -16.81
CA TRP A 398 27.01 4.03 -18.00
C TRP A 398 27.96 3.88 -19.20
N ASP A 399 29.24 4.22 -19.02
CA ASP A 399 30.23 4.06 -20.09
C ASP A 399 30.36 2.60 -20.52
N LYS A 400 30.30 1.69 -19.55
CA LYS A 400 30.30 0.26 -19.84
C LYS A 400 29.06 -0.14 -20.66
N ALA A 401 27.90 0.37 -20.27
CA ALA A 401 26.64 0.08 -20.97
C ALA A 401 26.64 0.55 -22.43
N LYS A 402 27.18 1.75 -22.66
CA LYS A 402 27.23 2.31 -24.02
C LYS A 402 27.92 1.37 -25.00
N LYS A 403 28.96 0.68 -24.53
CA LYS A 403 29.67 -0.29 -25.37
C LYS A 403 28.83 -1.49 -25.76
N GLU A 404 27.76 -1.75 -25.01
CA GLU A 404 26.91 -2.93 -25.21
C GLU A 404 25.60 -2.64 -25.95
N ILE A 405 25.24 -1.37 -26.14
CA ILE A 405 23.96 -1.03 -26.79
C ILE A 405 24.10 -0.04 -27.96
N ASP A 406 23.04 0.05 -28.77
CA ASP A 406 22.98 0.98 -29.91
C ASP A 406 22.32 2.29 -29.50
N LEU A 407 23.13 3.34 -29.33
CA LEU A 407 22.64 4.65 -28.91
C LEU A 407 21.92 5.42 -30.04
N SER A 408 22.13 5.02 -31.29
CA SER A 408 21.42 5.60 -32.43
C SER A 408 19.91 5.45 -32.26
N LYS A 409 19.49 4.20 -32.08
CA LYS A 409 18.09 3.83 -31.86
C LYS A 409 17.38 4.75 -30.89
N ASN A 410 17.78 4.73 -29.62
CA ASN A 410 17.10 5.50 -28.59
C ASN A 410 17.94 5.64 -27.32
N THR A 411 18.26 6.88 -26.97
CA THR A 411 18.98 7.18 -25.73
C THR A 411 18.08 8.06 -24.87
N SER A 412 16.91 7.50 -24.54
CA SER A 412 15.86 8.24 -23.87
C SER A 412 15.01 7.33 -22.97
N LEU A 413 14.65 7.83 -21.80
CA LEU A 413 13.80 7.10 -20.86
C LEU A 413 12.70 8.01 -20.34
N ASP A 414 11.47 7.52 -20.36
CA ASP A 414 10.35 8.25 -19.79
C ASP A 414 10.13 7.83 -18.33
N LEU A 415 9.76 8.81 -17.50
CA LEU A 415 9.52 8.61 -16.09
C LEU A 415 8.08 9.02 -15.73
N LEU A 416 7.23 8.04 -15.43
CA LEU A 416 5.86 8.28 -15.01
C LEU A 416 5.81 8.68 -13.54
N VAL A 417 5.03 9.72 -13.25
CA VAL A 417 4.81 10.18 -11.90
C VAL A 417 3.36 10.62 -11.75
N SER A 418 2.88 10.57 -10.51
CA SER A 418 1.58 11.13 -10.17
C SER A 418 1.60 12.65 -10.39
N ASP A 419 0.47 13.26 -10.76
CA ASP A 419 0.49 14.69 -11.10
C ASP A 419 0.37 15.65 -9.90
N GLY A 420 0.52 15.15 -8.68
CA GLY A 420 0.59 15.98 -7.47
C GLY A 420 1.89 16.80 -7.39
N GLU A 421 1.89 17.83 -6.55
CA GLU A 421 3.00 18.79 -6.55
C GLU A 421 4.35 18.11 -6.33
N PHE A 422 4.46 17.36 -5.24
CA PHE A 422 5.76 16.81 -4.85
C PHE A 422 6.14 15.53 -5.58
N GLU A 423 5.18 14.84 -6.18
CA GLU A 423 5.50 13.70 -7.02
C GLU A 423 6.17 14.22 -8.32
N LYS A 424 5.59 15.25 -8.92
CA LYS A 424 6.21 15.91 -10.06
C LYS A 424 7.59 16.46 -9.75
N LYS A 425 7.73 17.12 -8.59
CA LYS A 425 9.02 17.70 -8.19
C LYS A 425 10.08 16.62 -7.94
N ALA A 426 9.68 15.48 -7.37
CA ALA A 426 10.59 14.36 -7.16
C ALA A 426 11.03 13.78 -8.50
N GLY A 427 10.09 13.65 -9.43
CA GLY A 427 10.40 13.22 -10.79
C GLY A 427 11.40 14.11 -11.48
N GLU A 428 11.26 15.42 -11.31
CA GLU A 428 12.20 16.39 -11.90
C GLU A 428 13.58 16.35 -11.25
N PHE A 429 13.61 16.11 -9.94
CA PHE A 429 14.88 15.95 -9.23
C PHE A 429 15.60 14.71 -9.77
N LEU A 430 14.88 13.61 -9.91
CA LEU A 430 15.48 12.38 -10.42
C LEU A 430 15.95 12.55 -11.86
N GLN A 431 15.14 13.22 -12.66
CA GLN A 431 15.51 13.53 -14.04
C GLN A 431 16.89 14.22 -14.11
N GLY A 432 17.08 15.26 -13.30
CA GLY A 432 18.35 15.98 -13.26
C GLY A 432 19.53 15.15 -12.79
N GLN A 433 19.28 14.28 -11.80
CA GLN A 433 20.30 13.35 -11.29
C GLN A 433 20.74 12.36 -12.36
N LEU A 434 19.77 11.79 -13.07
CA LEU A 434 20.08 10.81 -14.08
C LEU A 434 20.79 11.47 -15.27
N GLN A 435 20.27 12.61 -15.71
CA GLN A 435 20.90 13.36 -16.81
C GLN A 435 22.33 13.81 -16.47
N ASP A 436 22.57 14.14 -15.19
CA ASP A 436 23.90 14.61 -14.76
C ASP A 436 24.98 13.52 -14.70
N SER A 437 24.59 12.28 -14.47
CA SER A 437 25.55 11.18 -14.34
C SER A 437 25.59 10.22 -15.53
N LEU A 438 24.52 10.20 -16.33
CA LEU A 438 24.46 9.36 -17.50
C LEU A 438 24.50 10.27 -18.72
N GLU A 439 25.72 10.67 -19.10
CA GLU A 439 25.90 11.69 -20.13
C GLU A 439 25.20 11.23 -21.41
N GLY A 440 24.37 12.10 -21.96
CA GLY A 440 23.70 11.82 -23.22
C GLY A 440 22.30 11.26 -23.05
N LEU A 441 21.99 10.72 -21.87
CA LEU A 441 20.66 10.18 -21.62
C LEU A 441 19.67 11.33 -21.42
N LYS A 442 18.56 11.28 -22.16
CA LYS A 442 17.45 12.19 -21.91
C LYS A 442 16.40 11.49 -21.07
N VAL A 443 15.96 12.15 -20.01
CA VAL A 443 14.83 11.66 -19.21
C VAL A 443 13.65 12.63 -19.32
N THR A 444 12.51 12.12 -19.76
CA THR A 444 11.28 12.90 -19.81
C THR A 444 10.45 12.56 -18.56
N VAL A 445 9.81 13.55 -17.98
CA VAL A 445 8.92 13.33 -16.84
C VAL A 445 7.50 13.49 -17.31
N THR A 446 6.66 12.49 -17.03
CA THR A 446 5.26 12.50 -17.48
C THR A 446 4.32 12.38 -16.28
N PRO A 447 3.80 13.51 -15.78
CA PRO A 447 2.83 13.48 -14.69
C PRO A 447 1.44 13.10 -15.18
N ILE A 448 0.84 12.11 -14.53
CA ILE A 448 -0.48 11.63 -14.91
C ILE A 448 -1.39 11.41 -13.70
N PRO A 449 -2.71 11.41 -13.93
CA PRO A 449 -3.68 11.09 -12.89
C PRO A 449 -3.53 9.66 -12.36
N ALA A 450 -3.96 9.46 -11.13
CA ALA A 450 -3.78 8.19 -10.43
C ALA A 450 -4.46 7.01 -11.13
N ASN A 451 -5.69 7.18 -11.59
CA ASN A 451 -6.39 6.08 -12.28
C ASN A 451 -5.69 5.65 -13.58
N VAL A 452 -5.16 6.62 -14.33
CA VAL A 452 -4.39 6.34 -15.54
C VAL A 452 -3.04 5.67 -15.19
N PHE A 453 -2.39 6.16 -14.15
CA PHE A 453 -1.12 5.60 -13.68
C PHE A 453 -1.30 4.12 -13.28
N MET A 454 -2.32 3.81 -12.48
CA MET A 454 -2.55 2.42 -12.08
C MET A 454 -2.75 1.51 -13.27
N GLU A 455 -3.50 1.97 -14.27
CA GLU A 455 -3.79 1.19 -15.47
C GLU A 455 -2.51 0.93 -16.29
N ARG A 456 -1.68 1.95 -16.44
CA ARG A 456 -0.44 1.79 -17.19
C ARG A 456 0.56 0.87 -16.49
N LEU A 457 0.58 0.89 -15.16
CA LEU A 457 1.41 -0.05 -14.40
C LEU A 457 0.94 -1.48 -14.62
N THR A 458 -0.38 -1.69 -14.55
CA THR A 458 -0.96 -3.02 -14.73
C THR A 458 -0.65 -3.57 -16.11
N LYS A 459 -0.68 -2.72 -17.13
CA LYS A 459 -0.41 -3.12 -18.51
C LYS A 459 1.08 -3.09 -18.88
N LYS A 460 1.92 -2.64 -17.95
CA LYS A 460 3.36 -2.42 -18.21
C LYS A 460 3.63 -1.42 -19.33
N ASP A 461 2.75 -0.44 -19.44
CA ASP A 461 2.85 0.62 -20.44
C ASP A 461 3.68 1.76 -19.83
N PHE A 462 4.94 1.44 -19.56
CA PHE A 462 5.86 2.41 -18.98
C PHE A 462 7.31 1.97 -19.21
N THR A 463 8.22 2.89 -18.95
CA THR A 463 9.63 2.62 -19.00
C THR A 463 10.19 2.68 -17.57
N LEU A 464 10.23 3.88 -16.99
CA LEU A 464 10.48 4.06 -15.57
C LEU A 464 9.22 4.54 -14.88
N SER A 465 9.09 4.20 -13.61
CA SER A 465 7.96 4.62 -12.81
C SER A 465 8.36 5.00 -11.39
N LEU A 466 7.95 6.18 -10.95
CA LEU A 466 8.09 6.56 -9.55
C LEU A 466 6.86 6.06 -8.81
N SER A 467 7.00 4.89 -8.22
CA SER A 467 5.92 4.24 -7.49
C SER A 467 6.51 3.48 -6.29
N GLY A 468 5.65 3.20 -5.31
CA GLY A 468 6.11 2.59 -4.07
C GLY A 468 5.16 1.59 -3.46
N TRP A 469 5.58 1.04 -2.33
CA TRP A 469 4.82 0.02 -1.63
C TRP A 469 4.85 0.37 -0.16
N GLN A 470 3.69 0.32 0.50
CA GLN A 470 3.65 0.32 1.97
C GLN A 470 3.33 -1.09 2.45
N ALA A 471 4.10 -1.58 3.41
CA ALA A 471 3.90 -2.92 3.94
C ALA A 471 2.46 -3.05 4.40
N ASP A 472 1.86 -4.21 4.12
CA ASP A 472 0.52 -4.52 4.60
C ASP A 472 0.60 -5.16 5.99
N TYR A 473 1.73 -5.82 6.28
CA TYR A 473 1.99 -6.42 7.60
C TYR A 473 3.50 -6.39 7.91
N ALA A 474 3.88 -6.54 9.19
CA ALA A 474 5.27 -6.33 9.63
C ALA A 474 6.19 -7.52 9.39
N ASP A 475 6.38 -7.89 8.13
CA ASP A 475 7.31 -8.94 7.77
C ASP A 475 7.94 -8.54 6.43
N PRO A 476 9.25 -8.80 6.26
CA PRO A 476 9.92 -8.42 5.02
C PRO A 476 9.24 -8.97 3.76
N ILE A 477 8.55 -10.11 3.87
CA ILE A 477 7.91 -10.74 2.71
C ILE A 477 6.78 -9.87 2.11
N SER A 478 6.19 -8.96 2.87
CA SER A 478 5.18 -8.05 2.29
C SER A 478 5.79 -7.29 1.10
N PHE A 479 7.05 -6.84 1.25
CA PHE A 479 7.77 -6.22 0.15
C PHE A 479 8.34 -7.19 -0.88
N LEU A 480 9.04 -8.22 -0.40
CA LEU A 480 9.84 -9.07 -1.27
C LEU A 480 8.98 -9.94 -2.20
N ALA A 481 7.78 -10.32 -1.76
CA ALA A 481 6.85 -11.06 -2.62
C ALA A 481 6.49 -10.33 -3.93
N ASN A 482 6.57 -8.99 -3.92
CA ASN A 482 6.22 -8.21 -5.11
C ASN A 482 7.18 -8.35 -6.28
N PHE A 483 8.37 -8.89 -6.03
CA PHE A 483 9.34 -9.09 -7.09
C PHE A 483 9.46 -10.55 -7.52
N GLU A 484 8.59 -11.40 -7.01
N GLU A 484 8.56 -11.40 -7.01
CA GLU A 484 8.48 -12.78 -7.47
CA GLU A 484 8.44 -12.78 -7.48
C GLU A 484 7.98 -12.79 -8.92
C GLU A 484 8.00 -12.77 -8.94
N THR A 485 8.48 -13.74 -9.69
CA THR A 485 8.29 -13.77 -11.13
C THR A 485 6.90 -13.37 -11.64
N ASN A 486 5.84 -14.08 -11.32
CA ASN A 486 4.58 -13.58 -11.92
C ASN A 486 3.63 -12.92 -10.92
N SER A 487 4.20 -12.22 -9.94
CA SER A 487 3.41 -11.44 -9.00
C SER A 487 2.69 -10.27 -9.69
N PRO A 488 1.40 -10.06 -9.38
CA PRO A 488 0.66 -8.91 -9.94
C PRO A 488 1.27 -7.54 -9.65
N MET A 489 2.01 -7.43 -8.54
CA MET A 489 2.67 -6.19 -8.16
C MET A 489 4.06 -6.01 -8.79
N ASN A 490 4.52 -7.00 -9.55
CA ASN A 490 5.82 -6.94 -10.24
C ASN A 490 5.66 -6.20 -11.56
N HIS A 491 5.51 -4.88 -11.48
CA HIS A 491 5.15 -4.06 -12.64
C HIS A 491 6.24 -4.05 -13.72
N GLY A 492 7.51 -4.14 -13.28
CA GLY A 492 8.65 -4.16 -14.17
C GLY A 492 8.95 -5.49 -14.86
N GLY A 493 8.35 -6.57 -14.39
CA GLY A 493 8.60 -7.89 -14.97
C GLY A 493 9.98 -8.46 -14.66
N TYR A 494 10.54 -8.09 -13.50
CA TYR A 494 11.77 -8.72 -13.04
C TYR A 494 11.55 -10.22 -12.79
N SER A 495 12.50 -11.06 -13.20
CA SER A 495 12.40 -12.50 -12.92
C SER A 495 13.76 -13.14 -12.65
N ASN A 496 13.91 -13.64 -11.44
CA ASN A 496 15.06 -14.42 -11.04
C ASN A 496 14.51 -15.61 -10.28
N LYS A 497 14.73 -16.82 -10.81
CA LYS A 497 14.14 -18.03 -10.23
C LYS A 497 14.76 -18.40 -8.90
N ASN A 498 16.02 -18.01 -8.71
CA ASN A 498 16.67 -18.25 -7.43
C ASN A 498 16.14 -17.31 -6.34
N TYR A 499 15.81 -16.07 -6.72
CA TYR A 499 15.09 -15.15 -5.83
C TYR A 499 13.74 -15.74 -5.42
N ASP A 500 12.98 -16.23 -6.40
CA ASP A 500 11.67 -16.83 -6.16
C ASP A 500 11.75 -17.93 -5.08
N GLU A 501 12.79 -18.76 -5.17
CA GLU A 501 12.95 -19.91 -4.28
C GLU A 501 13.35 -19.48 -2.86
N LEU A 502 14.25 -18.51 -2.74
CA LEU A 502 14.61 -17.94 -1.41
C LEU A 502 13.40 -17.44 -0.62
N LEU A 503 12.44 -16.85 -1.33
CA LEU A 503 11.19 -16.40 -0.72
C LEU A 503 10.38 -17.53 -0.06
N LYS A 504 10.62 -18.79 -0.46
CA LYS A 504 9.80 -19.91 0.04
C LYS A 504 10.35 -20.53 1.32
N ASP A 505 11.50 -20.07 1.78
CA ASP A 505 12.14 -20.68 2.93
C ASP A 505 11.26 -20.60 4.18
N SER A 506 11.08 -21.73 4.85
CA SER A 506 10.29 -21.79 6.08
C SER A 506 11.12 -22.32 7.25
N SER A 507 12.44 -22.33 7.12
CA SER A 507 13.34 -22.91 8.12
C SER A 507 13.67 -21.94 9.24
N SER A 508 14.50 -22.39 10.18
CA SER A 508 15.03 -21.52 11.23
C SER A 508 15.91 -20.39 10.67
N LYS A 509 16.34 -20.53 9.42
CA LYS A 509 17.15 -19.53 8.73
C LYS A 509 16.34 -18.60 7.82
N ARG A 510 15.02 -18.60 7.92
CA ARG A 510 14.16 -17.83 7.02
C ARG A 510 14.60 -16.38 6.89
N TRP A 511 14.84 -15.74 8.03
CA TRP A 511 15.29 -14.33 8.09
C TRP A 511 16.52 -14.10 7.24
N GLN A 512 17.47 -15.00 7.36
CA GLN A 512 18.73 -14.89 6.66
C GLN A 512 18.50 -15.13 5.16
N GLU A 513 17.60 -16.04 4.83
CA GLU A 513 17.33 -16.37 3.43
C GLU A 513 16.61 -15.23 2.73
N LEU A 514 15.66 -14.60 3.40
CA LEU A 514 14.99 -13.42 2.85
C LEU A 514 15.97 -12.27 2.66
N LYS A 515 16.96 -12.12 3.53
CA LYS A 515 17.96 -11.07 3.35
C LYS A 515 18.84 -11.38 2.13
N LYS A 516 19.11 -12.67 1.91
CA LYS A 516 19.84 -13.08 0.71
C LYS A 516 19.04 -12.70 -0.54
N ALA A 517 17.72 -12.91 -0.49
CA ALA A 517 16.85 -12.57 -1.62
C ALA A 517 16.92 -11.08 -1.89
N GLU A 518 16.80 -10.24 -0.85
CA GLU A 518 16.91 -8.79 -1.04
C GLU A 518 18.22 -8.43 -1.73
N LYS A 519 19.33 -9.03 -1.27
CA LYS A 519 20.63 -8.77 -1.87
C LYS A 519 20.71 -9.21 -3.34
N LEU A 520 20.15 -10.36 -3.67
CA LEU A 520 20.11 -10.82 -5.06
C LEU A 520 19.32 -9.81 -5.94
N LEU A 521 18.19 -9.33 -5.44
CA LEU A 521 17.40 -8.32 -6.16
C LEU A 521 18.21 -7.04 -6.41
N ILE A 522 18.95 -6.62 -5.39
CA ILE A 522 19.78 -5.40 -5.51
C ILE A 522 20.99 -5.64 -6.40
N ASN A 523 21.59 -6.83 -6.30
CA ASN A 523 22.73 -7.16 -7.15
C ASN A 523 22.36 -7.27 -8.63
N ASP A 524 21.13 -7.71 -8.90
CA ASP A 524 20.58 -7.73 -10.28
C ASP A 524 20.10 -6.33 -10.68
N MET A 525 19.98 -5.45 -9.69
CA MET A 525 19.24 -4.17 -9.73
C MET A 525 17.92 -4.25 -10.47
N GLY A 526 17.04 -5.09 -9.96
CA GLY A 526 15.71 -5.29 -10.53
C GLY A 526 14.70 -4.20 -10.18
N VAL A 527 15.03 -3.41 -9.16
CA VAL A 527 14.23 -2.28 -8.70
C VAL A 527 15.18 -1.32 -7.96
N VAL A 528 14.95 -0.01 -8.07
CA VAL A 528 15.82 0.99 -7.43
C VAL A 528 15.09 1.63 -6.24
N PRO A 529 15.51 1.31 -5.00
CA PRO A 529 14.91 1.98 -3.85
C PRO A 529 15.47 3.38 -3.66
N ILE A 530 14.58 4.34 -3.43
CA ILE A 530 14.95 5.73 -3.39
C ILE A 530 14.90 6.23 -1.96
N PHE A 531 13.69 6.36 -1.41
CA PHE A 531 13.54 6.84 -0.03
C PHE A 531 12.38 6.16 0.70
N GLN A 532 12.47 6.23 2.03
CA GLN A 532 11.43 5.75 2.93
C GLN A 532 10.62 6.96 3.36
N VAL A 533 9.31 6.83 3.21
CA VAL A 533 8.38 7.93 3.34
C VAL A 533 8.11 8.28 4.79
N GLY A 534 8.32 9.56 5.11
CA GLY A 534 7.79 10.17 6.32
C GLY A 534 6.59 11.03 5.98
N THR A 535 5.54 10.92 6.80
CA THR A 535 4.29 11.65 6.61
C THR A 535 4.27 12.84 7.56
N ALA A 536 4.38 14.05 7.01
CA ALA A 536 4.39 15.28 7.81
C ALA A 536 3.15 16.07 7.51
N LYS A 537 2.63 16.71 8.54
CA LYS A 537 1.36 17.41 8.42
C LYS A 537 1.10 18.32 9.60
N LEU A 538 0.20 19.28 9.39
CA LEU A 538 -0.42 20.02 10.47
C LEU A 538 -1.72 19.31 10.80
N GLU A 539 -2.08 19.26 12.07
CA GLU A 539 -3.38 18.71 12.46
C GLU A 539 -3.95 19.53 13.60
N LYS A 540 -5.22 19.90 13.50
CA LYS A 540 -5.82 20.78 14.49
C LYS A 540 -5.81 20.05 15.84
N SER A 541 -5.53 20.81 16.90
N SER A 541 -5.53 20.79 16.92
CA SER A 541 -5.43 20.29 18.27
CA SER A 541 -5.40 20.18 18.25
C SER A 541 -6.72 19.61 18.73
C SER A 541 -6.74 19.66 18.82
N LYS A 542 -7.86 20.10 18.26
CA LYS A 542 -9.17 19.59 18.68
C LYS A 542 -9.42 18.13 18.27
N ILE A 543 -8.69 17.65 17.25
CA ILE A 543 -8.83 16.28 16.78
C ILE A 543 -8.18 15.31 17.76
N LYS A 544 -8.98 14.39 18.31
CA LYS A 544 -8.47 13.41 19.26
C LYS A 544 -8.70 11.97 18.80
N ASN A 545 -7.80 11.09 19.24
N ASN A 545 -7.82 11.09 19.26
CA ASN A 545 -7.96 9.64 19.17
CA ASN A 545 -7.99 9.63 19.17
C ASN A 545 -8.07 9.05 17.77
C ASN A 545 -8.10 9.06 17.76
N VAL A 546 -7.33 9.60 16.83
CA VAL A 546 -7.21 9.01 15.51
C VAL A 546 -6.03 8.04 15.58
N LEU A 547 -6.23 6.81 15.11
CA LEU A 547 -5.16 5.82 15.10
C LEU A 547 -4.42 5.93 13.75
N MET A 548 -3.11 6.11 13.79
CA MET A 548 -2.28 6.20 12.58
C MET A 548 -1.35 4.98 12.55
N HIS A 549 -1.30 4.25 11.43
CA HIS A 549 -0.53 3.01 11.33
C HIS A 549 0.62 3.19 10.34
N SER A 550 1.82 2.73 10.72
CA SER A 550 2.96 2.72 9.79
C SER A 550 2.91 1.54 8.78
N ILE A 551 2.04 0.57 9.05
CA ILE A 551 1.74 -0.53 8.13
C ILE A 551 0.23 -0.63 7.87
N GLY A 552 -0.15 -1.19 6.72
CA GLY A 552 -1.54 -1.39 6.37
C GLY A 552 -2.26 -0.09 6.10
N ALA A 553 -3.58 -0.09 6.31
CA ALA A 553 -4.39 1.10 6.09
C ALA A 553 -3.96 2.18 7.08
N LYS A 554 -3.61 3.36 6.60
CA LYS A 554 -2.89 4.36 7.40
C LYS A 554 -3.70 4.95 8.55
N TYR A 555 -4.99 5.20 8.34
CA TYR A 555 -5.80 5.89 9.37
C TYR A 555 -7.01 5.07 9.78
N ASP A 556 -7.28 5.04 11.09
CA ASP A 556 -8.50 4.49 11.64
C ASP A 556 -9.19 5.58 12.45
N TYR A 557 -10.33 6.03 11.93
CA TYR A 557 -11.09 7.12 12.53
C TYR A 557 -12.21 6.65 13.47
N LYS A 558 -12.29 5.34 13.72
CA LYS A 558 -13.40 4.75 14.47
C LYS A 558 -13.70 5.50 15.77
N LYS A 559 -12.67 5.78 16.56
CA LYS A 559 -12.84 6.37 17.88
C LYS A 559 -12.49 7.86 17.90
N MET A 560 -12.35 8.45 16.71
CA MET A 560 -12.07 9.87 16.56
C MET A 560 -13.13 10.72 17.27
N ARG A 561 -12.71 11.83 17.89
CA ARG A 561 -13.64 12.81 18.45
C ARG A 561 -13.07 14.23 18.40
N ILE A 562 -13.94 15.22 18.51
CA ILE A 562 -13.56 16.63 18.49
C ILE A 562 -13.75 17.18 19.90
N GLU A 563 -12.67 17.70 20.48
CA GLU A 563 -12.71 18.35 21.80
C GLU A 563 -12.28 19.80 21.67
N LYS A 564 -13.17 20.74 22.02
CA LYS A 564 -12.87 22.19 22.01
C LYS A 564 -12.34 22.73 20.68
N LEU B 1 0.33 -2.48 0.12
CA LEU B 1 -0.47 -1.61 -0.79
C LEU B 1 0.41 -0.63 -1.59
N VAL B 2 -0.10 -0.22 -2.73
CA VAL B 2 0.61 0.62 -3.67
C VAL B 2 0.48 2.09 -3.28
N THR B 3 1.59 2.82 -3.29
CA THR B 3 1.57 4.25 -3.01
C THR B 3 2.12 4.99 -4.22
N LEU B 4 1.22 5.64 -4.96
CA LEU B 4 1.60 6.49 -6.08
C LEU B 4 1.95 7.90 -5.61
N VAL B 5 1.42 8.27 -4.45
N VAL B 5 1.37 8.31 -4.48
CA VAL B 5 1.61 9.60 -3.85
CA VAL B 5 1.69 9.60 -3.87
C VAL B 5 2.23 9.46 -2.45
C VAL B 5 2.38 9.36 -2.54
N PHE B 6 3.18 10.32 -2.13
CA PHE B 6 3.88 10.27 -0.83
C PHE B 6 3.80 11.55 0.02
N VAL B 7 3.09 12.58 -0.45
N VAL B 7 3.09 12.58 -0.48
CA VAL B 7 2.82 13.78 0.35
CA VAL B 7 2.70 13.74 0.32
C VAL B 7 1.31 14.00 0.45
C VAL B 7 1.24 14.08 0.05
C1 GOL C . 0.55 -14.64 1.80
O1 GOL C . -0.46 -15.62 1.84
C2 GOL C . 1.93 -15.25 1.55
O2 GOL C . 2.21 -16.18 2.56
C3 GOL C . 3.00 -14.16 1.56
O3 GOL C . 3.20 -13.60 0.27
C1 GOL D . -5.29 -1.94 9.07
O1 GOL D . -4.73 -2.40 7.86
C2 GOL D . -6.35 -2.91 9.60
O2 GOL D . -6.81 -2.51 10.88
C3 GOL D . -7.54 -2.93 8.63
O3 GOL D . -8.55 -3.82 9.11
ZN ZN E . -15.43 -1.10 21.18
ZN ZN F . 3.43 24.62 -4.02
ZN ZN G . 15.62 20.46 7.18
ZN ZN H . 16.11 1.72 14.16
C1 GOL I . 8.04 25.77 -3.62
O1 GOL I . 8.24 26.17 -4.95
C2 GOL I . 9.24 24.99 -3.08
O2 GOL I . 10.15 24.71 -4.11
C3 GOL I . 8.76 23.71 -2.41
O3 GOL I . 9.83 23.00 -1.83
C1 GOL J . 37.27 0.92 -13.43
O1 GOL J . 38.42 0.68 -14.21
C2 GOL J . 37.60 1.89 -12.32
O2 GOL J . 37.61 3.21 -12.81
C3 GOL J . 36.64 1.77 -11.14
O3 GOL J . 36.17 3.01 -10.69
#